data_6TOZ
#
_entry.id   6TOZ
#
_cell.length_a   83.060
_cell.length_b   83.060
_cell.length_c   188.050
_cell.angle_alpha   90.000
_cell.angle_beta   90.000
_cell.angle_gamma   90.000
#
_symmetry.space_group_name_H-M   'P 43 21 2'
#
loop_
_entity.id
_entity.type
_entity.pdbx_description
1 polymer Amylase
2 branched 4,6-dideoxy-4-{[(1S,4R,5S,6S)-4,5,6-trihydroxy-3-(hydroxymethyl)cyclohex-2-en-1-yl]amino}-alpha-D-glucopyranose-(1-4)-alpha-D-glucopyranose-(1-4)-alpha-D-glucopyranose
3 non-polymer 'CALCIUM ION'
4 non-polymer 'SODIUM ION'
5 non-polymer 'ACETIC ACID'
6 water water
#
_entity_poly.entity_id   1
_entity_poly.type   'polypeptide(L)'
_entity_poly.pdbx_seq_one_letter_code
;ASLNGTLMQYFEWYMPNDGQHWKRLQNDSAYLAEHGITAVWIPPAYKGTSQDDVGYGAYDLYDLGEFHQKGTVRTKYGTK
GELQSAINSLHSRDINVYGDVVINHKGGADATEYVTAVEVDPADRNRVTSGEQRIKAWTHFQFPGRGSTYSDFKWYWYHF
DGTDWDESRKLNRIYKFQGKAWDWEVSNENGNYDYLMYADIDYDHPDVTAEIKRWGTWYANELQLDGFRLDAVKHIKFSF
LRDWVNHVREKTGKEMFTVAEYWQNDLGALENYLNKTNFNHSVFDVPLHYQFHAASTQGGGYDMRKLLNGTVVSKHPVKA
VTFVDNHDTQPGQSLESTVQTWFKPLAYAFILTREAGYPQIFYGDMYGTKGASQREIPALKHKIEPILKARKQYAYGAQH
DYFDHHNIVGWTREGDSSVANSGLAALITDGPGGTKRMYVGRQNAGETWHDITGNRSDSVVINAEGWGEFHVNGGSVSIY
VQR
;
_entity_poly.pdbx_strand_id   A
#
# COMPACT_ATOMS: atom_id res chain seq x y z
N LEU A 3 8.94 -14.22 13.62
CA LEU A 3 8.56 -15.19 12.56
C LEU A 3 7.39 -14.68 11.68
N ASN A 4 6.30 -14.14 12.21
CA ASN A 4 5.26 -13.52 11.36
C ASN A 4 5.89 -12.29 10.67
N GLY A 5 5.55 -12.07 9.40
CA GLY A 5 5.98 -10.86 8.69
C GLY A 5 4.93 -9.77 8.82
N THR A 6 5.39 -8.54 9.04
CA THR A 6 4.51 -7.38 9.20
C THR A 6 5.11 -6.18 8.45
N LEU A 7 4.30 -5.64 7.55
CA LEU A 7 4.64 -4.49 6.75
C LEU A 7 4.24 -3.23 7.45
N MET A 8 4.93 -2.14 7.14
CA MET A 8 4.47 -0.78 7.49
C MET A 8 4.60 0.14 6.30
N GLN A 9 3.52 0.81 5.94
CA GLN A 9 3.58 1.93 5.01
C GLN A 9 4.15 3.11 5.77
N TYR A 10 5.39 3.50 5.47
CA TYR A 10 6.07 4.50 6.27
C TYR A 10 5.95 5.91 5.70
N PHE A 11 4.70 6.34 5.56
CA PHE A 11 4.36 7.76 5.28
C PHE A 11 2.84 7.95 5.31
N GLU A 12 2.43 9.22 5.41
CA GLU A 12 1.08 9.64 5.11
C GLU A 12 1.11 10.92 4.26
N TRP A 13 -0.03 11.31 3.73
CA TRP A 13 -0.08 12.33 2.70
C TRP A 13 0.46 13.69 3.14
N TYR A 14 0.11 14.07 4.38
CA TYR A 14 0.28 15.42 4.87
C TYR A 14 1.50 15.65 5.77
N MET A 15 2.48 14.77 5.70
CA MET A 15 3.69 14.95 6.47
C MET A 15 4.32 16.30 6.10
N PRO A 16 4.99 16.95 7.06
CA PRO A 16 5.54 18.27 6.73
C PRO A 16 6.69 18.16 5.75
N ASN A 17 6.80 19.14 4.87
CA ASN A 17 7.85 19.23 3.89
C ASN A 17 9.09 19.88 4.50
N ASP A 18 9.73 19.18 5.43
CA ASP A 18 10.93 19.68 6.10
C ASP A 18 12.19 18.90 5.77
N GLY A 19 12.08 17.93 4.88
CA GLY A 19 13.26 17.20 4.41
C GLY A 19 13.86 16.25 5.43
N GLN A 20 13.14 15.98 6.53
CA GLN A 20 13.65 15.16 7.61
C GLN A 20 13.10 13.74 7.70
N HIS A 21 12.24 13.34 6.77
CA HIS A 21 11.60 12.03 6.84
C HIS A 21 12.56 10.84 6.80
N TRP A 22 13.55 10.87 5.91
CA TRP A 22 14.51 9.75 5.87
C TRP A 22 15.26 9.62 7.20
N LYS A 23 15.68 10.76 7.77
CA LYS A 23 16.32 10.77 9.11
C LYS A 23 15.40 10.22 10.23
N ARG A 24 14.14 10.62 10.20
CA ARG A 24 13.11 10.05 11.07
C ARG A 24 12.99 8.53 10.96
N LEU A 25 12.96 8.06 9.73
CA LEU A 25 12.89 6.63 9.46
C LEU A 25 14.13 5.93 10.01
N GLN A 26 15.31 6.48 9.75
CA GLN A 26 16.54 5.95 10.36
C GLN A 26 16.40 5.84 11.88
N ASN A 27 15.97 6.94 12.50
CA ASN A 27 15.82 7.00 13.95
C ASN A 27 14.72 6.11 14.51
N ASP A 28 13.75 5.70 13.67
CA ASP A 28 12.67 4.83 14.12
C ASP A 28 13.00 3.35 13.95
N SER A 29 14.15 3.02 13.38
CA SER A 29 14.42 1.63 13.02
C SER A 29 14.44 0.67 14.23
N ALA A 30 14.96 1.11 15.37
CA ALA A 30 14.99 0.23 16.57
C ALA A 30 13.58 -0.02 17.11
N TYR A 31 12.78 1.04 17.18
CA TYR A 31 11.36 0.91 17.56
C TYR A 31 10.62 -0.05 16.61
N LEU A 32 10.80 0.09 15.30
CA LEU A 32 10.11 -0.77 14.35
C LEU A 32 10.52 -2.23 14.54
N ALA A 33 11.81 -2.47 14.69
CA ALA A 33 12.31 -3.83 14.89
C ALA A 33 11.77 -4.40 16.19
N GLU A 34 11.80 -3.60 17.26
CA GLU A 34 11.28 -4.02 18.55
C GLU A 34 9.80 -4.42 18.47
N HIS A 35 9.01 -3.70 17.69
CA HIS A 35 7.58 -4.00 17.60
C HIS A 35 7.17 -5.01 16.50
N GLY A 36 8.16 -5.72 15.93
CA GLY A 36 7.94 -6.79 14.95
C GLY A 36 7.71 -6.39 13.49
N ILE A 37 8.01 -5.14 13.12
CA ILE A 37 7.92 -4.74 11.71
C ILE A 37 9.07 -5.39 10.97
N THR A 38 8.78 -6.09 9.88
CA THR A 38 9.80 -6.79 9.10
C THR A 38 10.02 -6.23 7.69
N ALA A 39 9.16 -5.29 7.28
CA ALA A 39 9.37 -4.59 6.03
C ALA A 39 8.70 -3.24 6.08
N VAL A 40 9.28 -2.27 5.38
CA VAL A 40 8.66 -0.97 5.23
C VAL A 40 8.48 -0.63 3.76
N TRP A 41 7.32 -0.09 3.42
CA TRP A 41 7.07 0.49 2.11
C TRP A 41 7.34 2.00 2.29
N ILE A 42 8.35 2.48 1.58
CA ILE A 42 8.77 3.88 1.66
C ILE A 42 8.10 4.69 0.53
N PRO A 43 7.80 5.98 0.76
CA PRO A 43 7.22 6.74 -0.33
C PRO A 43 8.13 6.85 -1.56
N PRO A 44 7.57 7.21 -2.74
CA PRO A 44 8.44 7.35 -3.90
C PRO A 44 9.64 8.23 -3.58
N ALA A 45 10.83 7.76 -3.94
CA ALA A 45 12.07 8.36 -3.45
C ALA A 45 12.71 9.35 -4.42
N TYR A 46 12.11 9.55 -5.59
CA TYR A 46 12.68 10.32 -6.72
C TYR A 46 11.96 11.67 -6.87
N LYS A 47 12.62 12.59 -7.56
CA LYS A 47 12.14 13.95 -7.74
C LYS A 47 10.76 14.03 -8.42
N GLY A 48 9.83 14.69 -7.73
CA GLY A 48 8.51 14.99 -8.27
C GLY A 48 8.49 16.34 -8.96
N THR A 49 7.31 16.95 -9.07
CA THR A 49 7.18 18.20 -9.83
C THR A 49 7.54 19.42 -9.01
N SER A 50 7.73 19.23 -7.71
CA SER A 50 8.16 20.25 -6.79
C SER A 50 8.73 19.56 -5.56
N GLN A 51 9.36 20.33 -4.68
CA GLN A 51 9.89 19.78 -3.43
C GLN A 51 8.82 19.15 -2.54
N ASP A 52 7.61 19.72 -2.54
CA ASP A 52 6.54 19.23 -1.67
C ASP A 52 5.66 18.15 -2.30
N ASP A 53 6.06 17.64 -3.46
CA ASP A 53 5.41 16.49 -4.08
C ASP A 53 5.48 15.29 -3.11
N VAL A 54 4.35 14.62 -2.87
CA VAL A 54 4.35 13.39 -2.05
C VAL A 54 5.14 12.26 -2.74
N GLY A 55 5.32 12.38 -4.05
CA GLY A 55 6.20 11.50 -4.83
C GLY A 55 5.58 10.91 -6.08
N TYR A 56 4.29 11.09 -6.26
CA TYR A 56 3.61 10.49 -7.43
C TYR A 56 3.67 11.33 -8.69
N GLY A 57 4.24 12.52 -8.60
CA GLY A 57 4.51 13.35 -9.77
C GLY A 57 5.49 12.76 -10.75
N ALA A 58 6.55 12.14 -10.24
CA ALA A 58 7.49 11.36 -11.03
C ALA A 58 8.12 12.14 -12.17
N TYR A 59 8.85 13.19 -11.83
CA TYR A 59 9.60 13.95 -12.82
C TYR A 59 10.84 13.21 -13.29
N ASP A 60 11.69 12.79 -12.34
CA ASP A 60 12.98 12.18 -12.69
C ASP A 60 13.29 11.00 -11.80
N LEU A 61 13.11 9.81 -12.38
CA LEU A 61 13.31 8.57 -11.64
C LEU A 61 14.75 8.30 -11.24
N TYR A 62 15.71 8.99 -11.87
CA TYR A 62 17.14 8.87 -11.55
C TYR A 62 17.62 9.98 -10.59
N ASP A 63 16.72 10.84 -10.11
CA ASP A 63 17.08 11.89 -9.14
C ASP A 63 16.47 11.53 -7.79
N LEU A 64 17.25 10.85 -6.96
CA LEU A 64 16.72 10.34 -5.66
C LEU A 64 16.93 11.36 -4.53
N GLY A 65 16.80 12.66 -4.84
CA GLY A 65 17.24 13.73 -3.96
C GLY A 65 18.74 13.98 -4.08
N GLU A 66 19.23 13.99 -5.30
CA GLU A 66 20.65 14.15 -5.59
C GLU A 66 20.99 15.36 -6.48
N PHE A 67 20.07 15.83 -7.32
CA PHE A 67 20.37 16.89 -8.27
C PHE A 67 19.46 18.08 -8.00
N HIS A 68 19.94 19.27 -8.29
CA HIS A 68 19.11 20.46 -8.13
C HIS A 68 18.18 20.58 -9.34
N GLN A 69 16.96 20.08 -9.16
CA GLN A 69 15.94 20.04 -10.19
C GLN A 69 14.60 20.34 -9.50
N LYS A 70 13.74 21.14 -10.16
CA LYS A 70 12.45 21.55 -9.59
C LYS A 70 12.56 22.34 -8.30
N GLY A 71 13.56 23.21 -8.25
CA GLY A 71 13.75 24.12 -7.14
C GLY A 71 14.36 23.52 -5.89
N THR A 72 14.88 22.31 -5.98
CA THR A 72 15.40 21.62 -4.77
C THR A 72 16.38 20.51 -5.14
N VAL A 73 17.32 20.24 -4.25
CA VAL A 73 18.12 19.00 -4.34
C VAL A 73 17.35 17.86 -3.70
N ARG A 74 17.05 17.99 -2.42
CA ARG A 74 16.30 16.97 -1.70
C ARG A 74 14.92 16.79 -2.31
N THR A 75 14.37 15.59 -2.18
CA THR A 75 12.94 15.41 -2.37
C THR A 75 12.23 15.94 -1.10
N LYS A 76 10.92 15.79 -1.03
CA LYS A 76 10.19 16.13 0.20
C LYS A 76 10.81 15.46 1.42
N TYR A 77 11.30 14.24 1.23
CA TYR A 77 11.67 13.37 2.30
C TYR A 77 13.12 13.51 2.74
N GLY A 78 13.96 14.07 1.87
CA GLY A 78 15.40 14.25 2.13
C GLY A 78 16.28 13.88 0.95
N THR A 79 17.57 13.71 1.24
CA THR A 79 18.55 13.43 0.20
C THR A 79 18.71 11.95 -0.07
N LYS A 80 19.43 11.60 -1.14
CA LYS A 80 19.70 10.20 -1.46
C LYS A 80 20.49 9.54 -0.34
N GLY A 81 21.58 10.21 0.07
CA GLY A 81 22.42 9.77 1.15
C GLY A 81 21.70 9.52 2.47
N GLU A 82 20.75 10.39 2.80
CA GLU A 82 19.92 10.19 4.00
C GLU A 82 19.03 8.97 3.89
N LEU A 83 18.42 8.79 2.72
CA LEU A 83 17.65 7.58 2.46
C LEU A 83 18.51 6.32 2.57
N GLN A 84 19.68 6.32 1.92
CA GLN A 84 20.60 5.18 1.99
C GLN A 84 21.04 4.86 3.42
N SER A 85 21.28 5.89 4.23
CA SER A 85 21.59 5.67 5.65
C SER A 85 20.41 5.09 6.43
N ALA A 86 19.18 5.57 6.15
CA ALA A 86 17.98 4.96 6.73
C ALA A 86 17.85 3.49 6.34
N ILE A 87 18.09 3.18 5.05
CA ILE A 87 17.98 1.79 4.58
C ILE A 87 19.00 0.90 5.26
N ASN A 88 20.24 1.37 5.38
CA ASN A 88 21.25 0.55 6.04
C ASN A 88 20.95 0.33 7.55
N SER A 89 20.30 1.29 8.20
CA SER A 89 19.85 1.09 9.57
C SER A 89 18.73 0.06 9.66
N LEU A 90 17.77 0.14 8.75
CA LEU A 90 16.67 -0.82 8.70
C LEU A 90 17.24 -2.21 8.41
N HIS A 91 18.12 -2.32 7.41
CA HIS A 91 18.75 -3.61 7.12
C HIS A 91 19.55 -4.16 8.31
N SER A 92 20.19 -3.28 9.11
CA SER A 92 20.95 -3.76 10.26
C SER A 92 20.04 -4.49 11.26
N ARG A 93 18.75 -4.20 11.26
CA ARG A 93 17.81 -4.93 12.09
C ARG A 93 16.91 -5.88 11.29
N ASP A 94 17.40 -6.34 10.15
CA ASP A 94 16.68 -7.21 9.23
C ASP A 94 15.27 -6.75 8.87
N ILE A 95 15.12 -5.45 8.67
CA ILE A 95 13.87 -4.90 8.16
C ILE A 95 14.09 -4.68 6.67
N ASN A 96 13.28 -5.36 5.87
CA ASN A 96 13.28 -5.20 4.41
C ASN A 96 12.68 -3.85 3.98
N VAL A 97 13.07 -3.40 2.79
CA VAL A 97 12.60 -2.14 2.27
C VAL A 97 12.00 -2.34 0.89
N TYR A 98 10.74 -1.91 0.73
CA TYR A 98 10.08 -1.93 -0.55
C TYR A 98 9.96 -0.51 -1.10
N GLY A 99 10.48 -0.31 -2.29
CA GLY A 99 10.41 0.99 -2.95
C GLY A 99 9.16 1.14 -3.78
N ASP A 100 8.61 2.34 -3.76
CA ASP A 100 7.43 2.67 -4.52
C ASP A 100 7.86 2.90 -5.96
N VAL A 101 7.09 2.37 -6.89
CA VAL A 101 7.43 2.37 -8.29
C VAL A 101 6.31 3.09 -9.03
N VAL A 102 6.59 4.31 -9.46
CA VAL A 102 5.62 5.17 -10.16
C VAL A 102 6.06 5.32 -11.62
N ILE A 103 5.53 4.43 -12.46
CA ILE A 103 5.89 4.37 -13.86
C ILE A 103 4.69 4.47 -14.82
N ASN A 104 3.52 4.89 -14.32
CA ASN A 104 2.40 5.13 -15.22
C ASN A 104 2.59 6.36 -16.13
N HIS A 105 3.26 7.38 -15.61
CA HIS A 105 3.28 8.69 -16.18
C HIS A 105 4.55 9.44 -15.75
N LYS A 106 4.77 10.60 -16.36
CA LYS A 106 5.79 11.54 -15.93
C LYS A 106 5.16 12.95 -15.86
N GLY A 107 5.36 13.60 -14.72
CA GLY A 107 4.87 14.96 -14.48
C GLY A 107 6.00 15.96 -14.49
N GLY A 108 5.64 17.24 -14.68
CA GLY A 108 6.60 18.35 -14.54
C GLY A 108 7.65 18.44 -15.61
N ALA A 109 7.31 18.11 -16.86
CA ALA A 109 8.25 18.21 -17.97
C ALA A 109 8.95 19.57 -18.00
N ASP A 110 10.18 19.56 -18.47
CA ASP A 110 11.02 20.75 -18.54
C ASP A 110 10.51 21.75 -19.55
N ALA A 111 9.90 21.28 -20.63
CA ALA A 111 9.40 22.16 -21.70
C ALA A 111 8.23 21.53 -22.41
N THR A 112 7.50 22.37 -23.14
CA THR A 112 6.38 21.90 -23.96
C THR A 112 6.88 21.53 -25.35
N GLU A 113 6.05 20.78 -26.06
CA GLU A 113 6.28 20.47 -27.43
C GLU A 113 4.96 20.62 -28.14
N TYR A 114 4.99 21.06 -29.38
CA TYR A 114 3.80 21.07 -30.23
C TYR A 114 3.51 19.65 -30.67
N VAL A 115 2.29 19.20 -30.40
CA VAL A 115 1.88 17.83 -30.64
C VAL A 115 0.52 17.85 -31.33
N THR A 116 0.35 17.02 -32.35
CA THR A 116 -0.96 16.79 -32.94
C THR A 116 -1.70 15.77 -32.09
N ALA A 117 -2.95 16.10 -31.74
CA ALA A 117 -3.74 15.27 -30.85
C ALA A 117 -5.22 15.33 -31.15
N VAL A 118 -5.96 14.38 -30.58
CA VAL A 118 -7.42 14.42 -30.56
C VAL A 118 -7.87 14.31 -29.13
N GLU A 119 -9.01 14.91 -28.85
CA GLU A 119 -9.65 14.74 -27.57
C GLU A 119 -10.39 13.39 -27.50
N VAL A 120 -10.41 12.80 -26.31
CA VAL A 120 -11.22 11.62 -26.06
C VAL A 120 -12.18 11.88 -24.89
N ASP A 121 -13.22 11.06 -24.84
CA ASP A 121 -14.28 11.20 -23.84
C ASP A 121 -13.75 10.67 -22.54
N PRO A 122 -13.77 11.49 -21.47
CA PRO A 122 -13.19 11.02 -20.21
C PRO A 122 -13.94 9.85 -19.55
N ALA A 123 -15.20 9.64 -19.90
CA ALA A 123 -15.97 8.46 -19.43
C ALA A 123 -15.84 7.26 -20.37
N ASP A 124 -15.25 7.47 -21.55
CA ASP A 124 -15.04 6.39 -22.54
C ASP A 124 -13.90 6.80 -23.47
N ARG A 125 -12.69 6.46 -23.05
CA ARG A 125 -11.48 6.95 -23.69
C ARG A 125 -11.24 6.29 -25.06
N ASN A 126 -12.04 5.27 -25.40
CA ASN A 126 -12.01 4.69 -26.74
C ASN A 126 -12.76 5.53 -27.75
N ARG A 127 -13.57 6.48 -27.26
CA ARG A 127 -14.35 7.37 -28.09
C ARG A 127 -13.61 8.70 -28.35
N VAL A 128 -13.32 8.98 -29.62
CA VAL A 128 -12.67 10.24 -30.02
C VAL A 128 -13.75 11.33 -30.18
N THR A 129 -13.47 12.52 -29.66
CA THR A 129 -14.44 13.60 -29.56
C THR A 129 -14.01 14.91 -30.23
N SER A 130 -12.90 14.87 -30.98
CA SER A 130 -12.51 15.99 -31.83
C SER A 130 -11.77 15.46 -33.03
N GLY A 131 -11.66 16.33 -34.03
CA GLY A 131 -10.66 16.16 -35.07
C GLY A 131 -9.26 16.45 -34.53
N GLU A 132 -8.26 16.33 -35.40
CA GLU A 132 -6.89 16.61 -35.03
C GLU A 132 -6.72 18.09 -34.72
N GLN A 133 -5.94 18.37 -33.69
CA GLN A 133 -5.64 19.75 -33.32
C GLN A 133 -4.22 19.80 -32.79
N ARG A 134 -3.64 20.98 -32.86
CA ARG A 134 -2.30 21.22 -32.42
C ARG A 134 -2.37 21.68 -30.96
N ILE A 135 -1.72 20.97 -30.06
CA ILE A 135 -1.66 21.37 -28.64
C ILE A 135 -0.22 21.57 -28.19
N LYS A 136 -0.06 22.22 -27.05
CA LYS A 136 1.26 22.42 -26.43
C LYS A 136 1.29 21.54 -25.19
N ALA A 137 2.03 20.43 -25.28
CA ALA A 137 2.01 19.43 -24.22
C ALA A 137 3.32 19.43 -23.45
N TRP A 138 3.21 19.21 -22.14
CA TRP A 138 4.38 19.08 -21.26
C TRP A 138 4.96 17.66 -21.38
N THR A 139 5.79 17.48 -22.39
CA THR A 139 6.31 16.16 -22.75
C THR A 139 7.84 16.10 -22.93
N HIS A 140 8.54 17.22 -22.91
CA HIS A 140 9.98 17.20 -23.13
C HIS A 140 10.74 17.16 -21.80
N PHE A 141 11.44 16.05 -21.55
CA PHE A 141 12.23 15.88 -20.33
C PHE A 141 13.69 15.81 -20.74
N GLN A 142 14.43 16.84 -20.34
CA GLN A 142 15.88 16.95 -20.54
C GLN A 142 16.71 16.76 -19.27
N PHE A 143 16.10 16.97 -18.10
CA PHE A 143 16.79 16.82 -16.82
C PHE A 143 18.02 17.73 -16.70
N PRO A 144 17.82 19.07 -16.76
CA PRO A 144 19.00 19.94 -16.84
C PRO A 144 19.91 19.91 -15.63
N GLY A 145 19.38 19.63 -14.44
CA GLY A 145 20.21 19.56 -13.24
C GLY A 145 20.99 18.28 -13.15
N ARG A 146 20.49 17.21 -13.78
CA ARG A 146 21.19 15.92 -13.76
C ARG A 146 22.15 15.71 -14.93
N GLY A 147 21.81 16.24 -16.11
CA GLY A 147 22.57 15.89 -17.31
C GLY A 147 22.40 14.40 -17.61
N SER A 148 23.48 13.75 -18.02
CA SER A 148 23.45 12.35 -18.38
C SER A 148 23.95 11.41 -17.28
N THR A 149 24.22 11.95 -16.09
CA THR A 149 24.64 11.16 -14.94
C THR A 149 23.62 10.05 -14.70
N TYR A 150 24.08 8.79 -14.68
CA TYR A 150 23.28 7.58 -14.52
C TYR A 150 22.44 7.14 -15.72
N SER A 151 21.98 8.08 -16.55
CA SER A 151 21.19 7.74 -17.74
C SER A 151 21.15 8.92 -18.70
N ASP A 152 21.49 8.69 -19.97
CA ASP A 152 21.35 9.73 -20.96
C ASP A 152 19.98 9.71 -21.67
N PHE A 153 19.04 8.90 -21.20
CA PHE A 153 17.74 8.79 -21.85
C PHE A 153 16.93 10.08 -21.65
N LYS A 154 16.50 10.67 -22.76
CA LYS A 154 15.63 11.85 -22.74
C LYS A 154 14.23 11.46 -23.21
N TRP A 155 13.21 12.12 -22.69
CA TRP A 155 11.82 11.83 -23.05
C TRP A 155 11.27 12.93 -23.94
N TYR A 156 10.47 12.51 -24.93
CA TYR A 156 9.75 13.37 -25.84
C TYR A 156 8.29 12.88 -25.97
N TRP A 157 7.47 13.68 -26.64
CA TRP A 157 6.03 13.38 -26.80
C TRP A 157 5.76 11.98 -27.31
N TYR A 158 6.61 11.47 -28.19
CA TYR A 158 6.42 10.13 -28.79
C TYR A 158 6.74 8.96 -27.87
N HIS A 159 7.22 9.25 -26.65
CA HIS A 159 7.27 8.25 -25.61
C HIS A 159 5.97 8.15 -24.78
N PHE A 160 4.97 8.98 -25.10
CA PHE A 160 3.74 9.04 -24.34
C PHE A 160 2.53 8.87 -25.24
N ASP A 161 1.43 8.39 -24.67
CA ASP A 161 0.20 8.21 -25.40
C ASP A 161 -0.68 9.45 -25.39
N GLY A 162 -0.49 10.29 -24.36
CA GLY A 162 -1.32 11.46 -24.24
C GLY A 162 -1.04 12.26 -22.98
N THR A 163 -1.90 13.25 -22.77
CA THR A 163 -1.76 14.17 -21.68
C THR A 163 -3.13 14.76 -21.35
N ASP A 164 -3.21 15.45 -20.21
CA ASP A 164 -4.46 16.08 -19.79
C ASP A 164 -4.43 17.61 -19.82
N TRP A 165 -3.43 18.20 -20.46
CA TRP A 165 -3.31 19.65 -20.44
C TRP A 165 -2.70 20.16 -21.73
N ASP A 166 -3.39 21.14 -22.33
CA ASP A 166 -2.90 21.90 -23.45
C ASP A 166 -2.54 23.27 -22.91
N GLU A 167 -1.25 23.58 -22.94
CA GLU A 167 -0.73 24.87 -22.44
C GLU A 167 -1.13 26.04 -23.33
N SER A 168 -1.41 25.82 -24.62
CA SER A 168 -1.71 26.93 -25.54
C SER A 168 -3.09 27.51 -25.26
N ARG A 169 -4.09 26.64 -25.19
CA ARG A 169 -5.46 27.07 -24.90
C ARG A 169 -5.74 27.10 -23.42
N LYS A 170 -4.85 26.50 -22.63
CA LYS A 170 -4.88 26.53 -21.16
C LYS A 170 -6.06 25.70 -20.66
N LEU A 171 -6.11 24.47 -21.14
CA LEU A 171 -7.33 23.68 -21.09
C LEU A 171 -7.08 22.26 -20.60
N ASN A 172 -7.97 21.78 -19.73
CA ASN A 172 -7.92 20.45 -19.16
C ASN A 172 -8.91 19.46 -19.80
N ARG A 173 -8.41 18.71 -20.78
CA ARG A 173 -9.11 17.51 -21.32
C ARG A 173 -8.11 16.39 -21.56
N ILE A 174 -8.63 15.21 -21.91
CA ILE A 174 -7.78 14.10 -22.25
C ILE A 174 -7.47 14.12 -23.75
N TYR A 175 -6.19 14.32 -24.05
CA TYR A 175 -5.67 14.36 -25.41
C TYR A 175 -4.87 13.10 -25.72
N LYS A 176 -5.24 12.39 -26.79
CA LYS A 176 -4.50 11.24 -27.28
C LYS A 176 -3.67 11.71 -28.45
N PHE A 177 -2.36 11.44 -28.41
CA PHE A 177 -1.45 11.96 -29.43
C PHE A 177 -1.55 11.22 -30.75
N GLN A 178 -1.24 11.96 -31.81
CA GLN A 178 -1.25 11.40 -33.16
C GLN A 178 -0.41 10.13 -33.26
N GLY A 179 -1.01 9.10 -33.87
CA GLY A 179 -0.38 7.79 -34.05
C GLY A 179 -0.33 6.90 -32.82
N LYS A 180 -0.90 7.34 -31.69
CA LYS A 180 -0.83 6.57 -30.47
C LYS A 180 -2.13 5.88 -30.23
N ALA A 181 -2.05 4.81 -29.45
CA ALA A 181 -3.22 4.04 -29.03
C ALA A 181 -3.08 3.78 -27.55
N TRP A 182 -4.20 3.81 -26.83
CA TRP A 182 -4.16 3.47 -25.41
C TRP A 182 -3.70 2.02 -25.32
N ASP A 183 -2.88 1.77 -24.33
CA ASP A 183 -2.31 0.44 -24.07
C ASP A 183 -3.39 -0.51 -23.58
N TRP A 184 -3.17 -1.78 -23.86
CA TRP A 184 -4.03 -2.87 -23.41
C TRP A 184 -3.10 -4.08 -23.06
N GLU A 185 -3.39 -4.91 -22.05
CA GLU A 185 -4.54 -4.81 -21.14
C GLU A 185 -4.34 -3.85 -19.99
N VAL A 186 -5.39 -3.05 -19.75
CA VAL A 186 -5.50 -2.17 -18.60
C VAL A 186 -6.91 -2.32 -18.09
N SER A 187 -7.24 -1.65 -16.99
CA SER A 187 -8.63 -1.61 -16.53
C SER A 187 -9.56 -1.16 -17.65
N ASN A 188 -10.69 -1.87 -17.81
CA ASN A 188 -11.74 -1.48 -18.77
C ASN A 188 -12.67 -0.38 -18.26
N GLU A 189 -12.41 0.12 -17.05
CA GLU A 189 -13.16 1.25 -16.51
C GLU A 189 -12.93 2.48 -17.38
N ASN A 190 -13.99 3.25 -17.61
CA ASN A 190 -13.96 4.39 -18.54
C ASN A 190 -13.59 3.95 -19.96
N GLY A 191 -14.04 2.74 -20.33
CA GLY A 191 -13.73 2.14 -21.61
C GLY A 191 -12.31 1.56 -21.65
N ASN A 192 -11.33 2.42 -21.40
CA ASN A 192 -9.92 2.03 -21.27
C ASN A 192 -9.33 3.03 -20.26
N TYR A 193 -8.75 2.52 -19.17
CA TYR A 193 -8.21 3.39 -18.12
C TYR A 193 -6.69 3.57 -18.17
N ASP A 194 -6.10 3.41 -19.36
CA ASP A 194 -4.67 3.70 -19.51
C ASP A 194 -4.36 5.12 -19.01
N TYR A 195 -5.15 6.10 -19.43
CA TYR A 195 -4.89 7.49 -19.06
C TYR A 195 -5.31 7.76 -17.61
N LEU A 196 -4.41 8.33 -16.80
CA LEU A 196 -4.78 8.75 -15.44
C LEU A 196 -4.48 10.22 -15.20
N MET A 197 -3.22 10.60 -15.32
CA MET A 197 -2.77 11.98 -15.14
C MET A 197 -1.39 12.22 -15.76
N TYR A 198 -1.01 13.50 -15.81
CA TYR A 198 0.26 13.96 -16.37
C TYR A 198 0.43 13.42 -17.81
N ALA A 199 1.66 13.16 -18.24
CA ALA A 199 1.96 12.61 -19.56
C ALA A 199 1.98 11.10 -19.42
N ASP A 200 1.10 10.43 -20.15
CA ASP A 200 0.91 8.99 -19.98
C ASP A 200 1.93 8.19 -20.78
N ILE A 201 2.69 7.33 -20.10
CA ILE A 201 3.76 6.59 -20.77
C ILE A 201 3.17 5.58 -21.78
N ASP A 202 3.78 5.52 -22.97
CA ASP A 202 3.37 4.60 -24.04
C ASP A 202 4.10 3.26 -23.90
N TYR A 203 3.44 2.27 -23.30
CA TYR A 203 4.04 0.95 -23.15
C TYR A 203 4.00 0.06 -24.39
N ASP A 204 3.55 0.60 -25.52
CA ASP A 204 3.78 -0.03 -26.82
C ASP A 204 5.14 0.34 -27.38
N HIS A 205 5.83 1.33 -26.82
CA HIS A 205 7.09 1.79 -27.39
C HIS A 205 8.26 0.92 -26.87
N PRO A 206 9.01 0.27 -27.78
CA PRO A 206 10.07 -0.66 -27.32
C PRO A 206 11.25 0.01 -26.57
N ASP A 207 11.62 1.22 -26.94
CA ASP A 207 12.63 1.97 -26.18
C ASP A 207 12.17 2.30 -24.74
N VAL A 208 10.86 2.52 -24.57
CA VAL A 208 10.28 2.85 -23.26
C VAL A 208 10.28 1.61 -22.39
N THR A 209 9.86 0.47 -22.93
CA THR A 209 9.82 -0.76 -22.16
C THR A 209 11.23 -1.13 -21.71
N ALA A 210 12.19 -1.07 -22.64
CA ALA A 210 13.61 -1.31 -22.30
C ALA A 210 14.10 -0.34 -21.19
N GLU A 211 13.76 0.94 -21.31
CA GLU A 211 14.30 1.97 -20.39
C GLU A 211 13.76 1.78 -18.99
N ILE A 212 12.46 1.53 -18.88
CA ILE A 212 11.83 1.38 -17.58
C ILE A 212 12.33 0.11 -16.86
N LYS A 213 12.58 -0.96 -17.61
CA LYS A 213 13.13 -2.19 -17.04
C LYS A 213 14.54 -1.92 -16.50
N ARG A 214 15.35 -1.24 -17.30
CA ARG A 214 16.70 -0.88 -16.94
C ARG A 214 16.75 0.03 -15.70
N TRP A 215 15.87 1.04 -15.68
CA TRP A 215 15.74 1.93 -14.52
C TRP A 215 15.36 1.11 -13.29
N GLY A 216 14.45 0.15 -13.46
CA GLY A 216 14.03 -0.72 -12.33
C GLY A 216 15.21 -1.41 -11.64
N THR A 217 16.11 -1.97 -12.44
CA THR A 217 17.31 -2.60 -11.90
C THR A 217 18.21 -1.58 -11.18
N TRP A 218 18.40 -0.42 -11.82
CA TRP A 218 19.21 0.63 -11.25
C TRP A 218 18.69 1.09 -9.89
N TYR A 219 17.38 1.29 -9.81
CA TYR A 219 16.68 1.74 -8.61
C TYR A 219 16.84 0.73 -7.48
N ALA A 220 16.62 -0.54 -7.82
CA ALA A 220 16.85 -1.65 -6.88
C ALA A 220 18.28 -1.66 -6.33
N ASN A 221 19.28 -1.49 -7.19
CA ASN A 221 20.68 -1.46 -6.77
C ASN A 221 21.00 -0.24 -5.94
N GLU A 222 20.57 0.92 -6.42
CA GLU A 222 20.92 2.20 -5.78
C GLU A 222 20.44 2.28 -4.33
N LEU A 223 19.28 1.70 -4.03
CA LEU A 223 18.71 1.71 -2.69
C LEU A 223 18.74 0.35 -1.96
N GLN A 224 19.35 -0.65 -2.58
CA GLN A 224 19.42 -2.01 -2.02
C GLN A 224 18.03 -2.48 -1.61
N LEU A 225 17.05 -2.30 -2.50
CA LEU A 225 15.68 -2.65 -2.22
C LEU A 225 15.51 -4.17 -2.16
N ASP A 226 14.62 -4.58 -1.27
CA ASP A 226 14.21 -5.97 -1.10
C ASP A 226 12.92 -6.29 -1.83
N GLY A 227 12.29 -5.28 -2.42
CA GLY A 227 11.00 -5.44 -3.06
C GLY A 227 10.40 -4.13 -3.53
N PHE A 228 9.14 -4.20 -3.97
CA PHE A 228 8.48 -3.06 -4.58
C PHE A 228 7.00 -2.93 -4.22
N ARG A 229 6.53 -1.68 -4.22
CA ARG A 229 5.08 -1.39 -4.24
C ARG A 229 4.84 -0.75 -5.59
N LEU A 230 3.93 -1.32 -6.39
CA LEU A 230 3.70 -0.83 -7.75
C LEU A 230 2.52 0.10 -7.78
N ASP A 231 2.75 1.34 -8.21
CA ASP A 231 1.72 2.35 -8.26
C ASP A 231 0.77 2.18 -9.47
N ALA A 232 -0.52 2.38 -9.24
CA ALA A 232 -1.46 2.69 -10.30
C ALA A 232 -1.56 1.63 -11.39
N VAL A 233 -1.52 0.36 -10.97
CA VAL A 233 -1.43 -0.74 -11.94
C VAL A 233 -2.66 -0.93 -12.82
N LYS A 234 -3.81 -0.40 -12.42
CA LYS A 234 -4.99 -0.35 -13.32
C LYS A 234 -4.72 0.37 -14.65
N HIS A 235 -3.71 1.23 -14.66
CA HIS A 235 -3.42 2.14 -15.75
C HIS A 235 -2.15 1.79 -16.54
N ILE A 236 -1.59 0.62 -16.27
CA ILE A 236 -0.33 0.22 -16.87
C ILE A 236 -0.52 -1.18 -17.45
N LYS A 237 -0.13 -1.33 -18.71
CA LYS A 237 -0.22 -2.60 -19.42
C LYS A 237 0.17 -3.78 -18.50
N PHE A 238 -0.74 -4.71 -18.29
CA PHE A 238 -0.53 -5.75 -17.26
C PHE A 238 0.65 -6.67 -17.61
N SER A 239 0.73 -7.07 -18.87
CA SER A 239 1.84 -7.94 -19.34
C SER A 239 3.21 -7.26 -19.16
N PHE A 240 3.23 -5.93 -19.28
CA PHE A 240 4.45 -5.18 -19.04
C PHE A 240 4.85 -5.24 -17.56
N LEU A 241 3.88 -5.01 -16.67
CA LEU A 241 4.13 -5.13 -15.25
C LEU A 241 4.66 -6.52 -14.87
N ARG A 242 4.03 -7.55 -15.41
CA ARG A 242 4.53 -8.91 -15.22
C ARG A 242 6.01 -9.04 -15.66
N ASP A 243 6.33 -8.53 -16.85
CA ASP A 243 7.65 -8.67 -17.44
C ASP A 243 8.68 -7.86 -16.65
N TRP A 244 8.28 -6.67 -16.20
CA TRP A 244 9.15 -5.78 -15.43
C TRP A 244 9.57 -6.43 -14.11
N VAL A 245 8.60 -6.98 -13.38
CA VAL A 245 8.89 -7.71 -12.14
C VAL A 245 9.85 -8.89 -12.42
N ASN A 246 9.57 -9.67 -13.46
CA ASN A 246 10.44 -10.79 -13.82
C ASN A 246 11.84 -10.32 -14.18
N HIS A 247 11.93 -9.24 -14.95
CA HIS A 247 13.22 -8.67 -15.35
C HIS A 247 14.07 -8.26 -14.14
N VAL A 248 13.49 -7.51 -13.21
CA VAL A 248 14.27 -7.03 -12.06
C VAL A 248 14.74 -8.19 -11.16
N ARG A 249 13.84 -9.14 -10.93
CA ARG A 249 14.18 -10.35 -10.19
C ARG A 249 15.34 -11.11 -10.85
N GLU A 250 15.24 -11.29 -12.15
CA GLU A 250 16.30 -11.96 -12.90
C GLU A 250 17.64 -11.22 -12.76
N LYS A 251 17.63 -9.90 -12.90
CA LYS A 251 18.87 -9.12 -12.83
C LYS A 251 19.48 -9.03 -11.46
N THR A 252 18.65 -8.85 -10.43
CA THR A 252 19.13 -8.75 -9.06
C THR A 252 19.46 -10.12 -8.46
N GLY A 253 18.83 -11.18 -8.95
CA GLY A 253 18.92 -12.49 -8.30
C GLY A 253 18.23 -12.60 -6.95
N LYS A 254 17.36 -11.65 -6.61
CA LYS A 254 16.66 -11.61 -5.32
C LYS A 254 15.17 -11.87 -5.53
N GLU A 255 14.51 -12.28 -4.45
CA GLU A 255 13.07 -12.57 -4.48
C GLU A 255 12.26 -11.34 -4.93
N MET A 256 12.61 -10.17 -4.39
CA MET A 256 11.92 -8.91 -4.67
C MET A 256 10.42 -9.08 -4.51
N PHE A 257 10.01 -9.36 -3.28
CA PHE A 257 8.59 -9.30 -2.96
C PHE A 257 7.97 -8.04 -3.56
N THR A 258 6.85 -8.19 -4.28
CA THR A 258 6.16 -7.05 -4.91
C THR A 258 4.65 -7.05 -4.58
N VAL A 259 4.11 -5.88 -4.23
CA VAL A 259 2.67 -5.72 -4.05
C VAL A 259 2.19 -4.58 -4.95
N ALA A 260 1.13 -4.84 -5.70
CA ALA A 260 0.57 -3.86 -6.64
C ALA A 260 -0.68 -3.21 -6.03
N GLU A 261 -0.83 -1.91 -6.29
CA GLU A 261 -2.03 -1.16 -5.92
C GLU A 261 -3.00 -1.14 -7.10
N TYR A 262 -3.91 -2.11 -7.12
CA TYR A 262 -4.98 -2.18 -8.09
C TYR A 262 -6.24 -1.70 -7.36
N TRP A 263 -6.61 -0.45 -7.56
CA TRP A 263 -7.70 0.11 -6.76
C TRP A 263 -9.09 -0.22 -7.32
N GLN A 264 -9.65 -1.30 -6.81
CA GLN A 264 -11.01 -1.70 -7.14
C GLN A 264 -11.61 -2.47 -5.98
N ASN A 265 -12.82 -2.11 -5.60
CA ASN A 265 -13.55 -2.81 -4.57
C ASN A 265 -14.30 -3.97 -5.22
N ASP A 266 -13.54 -4.89 -5.82
CA ASP A 266 -14.12 -5.99 -6.57
C ASP A 266 -13.14 -7.13 -6.71
N LEU A 267 -13.42 -8.25 -6.05
CA LEU A 267 -12.51 -9.39 -6.06
C LEU A 267 -12.29 -9.94 -7.49
N GLY A 268 -13.35 -10.02 -8.27
CA GLY A 268 -13.24 -10.43 -9.68
C GLY A 268 -12.24 -9.65 -10.52
N ALA A 269 -12.25 -8.32 -10.40
CA ALA A 269 -11.28 -7.51 -11.15
C ALA A 269 -9.86 -7.80 -10.68
N LEU A 270 -9.70 -8.00 -9.37
CA LEU A 270 -8.38 -8.26 -8.81
C LEU A 270 -7.87 -9.63 -9.24
N GLU A 271 -8.78 -10.61 -9.28
CA GLU A 271 -8.42 -11.95 -9.76
C GLU A 271 -7.99 -11.94 -11.23
N ASN A 272 -8.69 -11.16 -12.06
CA ASN A 272 -8.27 -10.99 -13.44
C ASN A 272 -6.84 -10.44 -13.50
N TYR A 273 -6.56 -9.38 -12.74
CA TYR A 273 -5.20 -8.82 -12.70
C TYR A 273 -4.15 -9.86 -12.27
N LEU A 274 -4.45 -10.61 -11.22
CA LEU A 274 -3.54 -11.67 -10.77
C LEU A 274 -3.31 -12.71 -11.86
N ASN A 275 -4.40 -13.14 -12.51
CA ASN A 275 -4.29 -14.11 -13.60
C ASN A 275 -3.45 -13.59 -14.76
N LYS A 276 -3.61 -12.33 -15.11
CA LYS A 276 -2.88 -11.74 -16.25
C LYS A 276 -1.43 -11.40 -15.93
N THR A 277 -1.09 -11.32 -14.65
CA THR A 277 0.30 -11.22 -14.25
C THR A 277 0.85 -12.56 -13.70
N ASN A 278 0.20 -13.67 -14.05
N ASN A 278 0.18 -13.67 -14.03
CA ASN A 278 0.66 -15.03 -13.67
CA ASN A 278 0.64 -15.01 -13.69
C ASN A 278 0.92 -15.22 -12.18
C ASN A 278 0.91 -15.21 -12.20
N PHE A 279 0.17 -14.51 -11.34
CA PHE A 279 0.35 -14.58 -9.87
C PHE A 279 1.78 -14.28 -9.40
N ASN A 280 2.52 -13.45 -10.12
CA ASN A 280 3.94 -13.29 -9.75
C ASN A 280 4.13 -12.20 -8.71
N HIS A 281 3.05 -11.51 -8.35
CA HIS A 281 3.08 -10.59 -7.24
C HIS A 281 1.72 -10.41 -6.54
N SER A 282 1.76 -9.73 -5.40
CA SER A 282 0.61 -9.58 -4.53
C SER A 282 -0.16 -8.30 -4.89
N VAL A 283 -1.37 -8.19 -4.36
CA VAL A 283 -2.18 -6.97 -4.47
C VAL A 283 -2.64 -6.52 -3.10
N PHE A 284 -2.90 -5.23 -2.94
CA PHE A 284 -3.53 -4.76 -1.71
C PHE A 284 -4.97 -5.27 -1.65
N ASP A 285 -5.42 -5.63 -0.46
CA ASP A 285 -6.79 -6.15 -0.25
C ASP A 285 -7.77 -5.00 -0.11
N VAL A 286 -8.11 -4.44 -1.27
CA VAL A 286 -8.96 -3.27 -1.34
C VAL A 286 -10.38 -3.56 -0.84
N PRO A 287 -10.95 -4.71 -1.21
CA PRO A 287 -12.29 -5.03 -0.69
C PRO A 287 -12.36 -5.15 0.83
N LEU A 288 -11.33 -5.73 1.46
CA LEU A 288 -11.31 -5.79 2.90
C LEU A 288 -11.26 -4.39 3.52
N HIS A 289 -10.48 -3.49 2.95
CA HIS A 289 -10.48 -2.10 3.40
C HIS A 289 -11.91 -1.50 3.39
N TYR A 290 -12.65 -1.73 2.31
CA TYR A 290 -14.02 -1.20 2.21
C TYR A 290 -15.01 -1.82 3.20
N GLN A 291 -14.88 -3.11 3.48
CA GLN A 291 -15.65 -3.74 4.56
C GLN A 291 -15.36 -3.10 5.92
N PHE A 292 -14.10 -2.83 6.22
CA PHE A 292 -13.74 -2.18 7.48
C PHE A 292 -14.35 -0.78 7.51
N HIS A 293 -14.27 -0.07 6.38
CA HIS A 293 -14.87 1.24 6.35
C HIS A 293 -16.39 1.15 6.59
N ALA A 294 -17.04 0.19 5.93
CA ALA A 294 -18.50 0.05 6.07
C ALA A 294 -18.89 -0.29 7.51
N ALA A 295 -18.21 -1.26 8.10
CA ALA A 295 -18.46 -1.65 9.49
C ALA A 295 -18.28 -0.47 10.45
N SER A 296 -17.25 0.33 10.21
CA SER A 296 -16.92 1.45 11.08
C SER A 296 -17.93 2.60 10.98
N THR A 297 -18.76 2.62 9.92
CA THR A 297 -19.73 3.70 9.72
C THR A 297 -21.19 3.29 9.92
N GLN A 298 -21.47 2.03 10.26
CA GLN A 298 -22.85 1.55 10.38
C GLN A 298 -23.36 1.30 11.80
N GLY A 299 -22.61 1.75 12.80
CA GLY A 299 -23.12 1.80 14.18
C GLY A 299 -23.57 0.48 14.80
N GLY A 300 -23.01 -0.64 14.35
CA GLY A 300 -23.46 -1.97 14.76
C GLY A 300 -24.41 -2.67 13.78
N GLY A 301 -24.91 -1.95 12.78
CA GLY A 301 -25.82 -2.53 11.79
C GLY A 301 -25.13 -3.44 10.78
N TYR A 302 -23.80 -3.41 10.71
CA TYR A 302 -23.07 -4.24 9.77
C TYR A 302 -23.09 -5.68 10.25
N ASP A 303 -23.25 -6.60 9.32
CA ASP A 303 -23.13 -8.03 9.63
C ASP A 303 -21.68 -8.43 9.56
N MET A 304 -21.07 -8.58 10.74
CA MET A 304 -19.63 -8.85 10.85
C MET A 304 -19.22 -10.18 10.23
N ARG A 305 -20.17 -11.09 10.04
CA ARG A 305 -19.88 -12.34 9.32
C ARG A 305 -19.41 -12.10 7.92
N LYS A 306 -19.75 -10.94 7.34
CA LYS A 306 -19.34 -10.60 5.99
C LYS A 306 -17.85 -10.48 5.77
N LEU A 307 -17.11 -10.19 6.85
CA LEU A 307 -15.64 -10.04 6.79
C LEU A 307 -14.89 -11.26 6.23
N LEU A 308 -15.49 -12.44 6.29
CA LEU A 308 -14.88 -13.64 5.72
C LEU A 308 -15.02 -13.84 4.21
N ASN A 309 -15.82 -13.02 3.53
CA ASN A 309 -16.13 -13.25 2.10
C ASN A 309 -15.84 -12.03 1.25
N GLY A 310 -15.58 -12.26 -0.03
CA GLY A 310 -15.43 -11.18 -1.01
C GLY A 310 -14.14 -10.39 -0.94
N THR A 311 -13.16 -10.90 -0.20
CA THR A 311 -11.86 -10.23 -0.06
C THR A 311 -10.76 -11.03 -0.75
N VAL A 312 -9.66 -10.37 -1.08
CA VAL A 312 -8.52 -11.07 -1.64
C VAL A 312 -8.00 -12.10 -0.64
N VAL A 313 -7.93 -11.72 0.64
CA VAL A 313 -7.36 -12.59 1.66
C VAL A 313 -8.22 -13.84 1.84
N SER A 314 -9.54 -13.74 1.64
CA SER A 314 -10.40 -14.92 1.70
C SER A 314 -10.15 -15.96 0.61
N LYS A 315 -9.66 -15.54 -0.55
CA LYS A 315 -9.47 -16.45 -1.68
C LYS A 315 -8.05 -16.67 -2.14
N HIS A 316 -7.18 -15.69 -1.96
CA HIS A 316 -5.79 -15.81 -2.40
C HIS A 316 -4.92 -15.22 -1.30
N PRO A 317 -4.92 -15.85 -0.11
CA PRO A 317 -4.23 -15.27 1.04
C PRO A 317 -2.73 -15.04 0.86
N VAL A 318 -2.09 -15.87 0.03
CA VAL A 318 -0.66 -15.75 -0.22
C VAL A 318 -0.37 -14.45 -1.01
N LYS A 319 -1.36 -13.99 -1.78
CA LYS A 319 -1.17 -12.86 -2.64
C LYS A 319 -1.87 -11.60 -2.13
N ALA A 320 -2.33 -11.60 -0.88
CA ALA A 320 -3.01 -10.45 -0.28
C ALA A 320 -2.09 -9.69 0.65
N VAL A 321 -2.04 -8.38 0.47
CA VAL A 321 -1.49 -7.51 1.49
C VAL A 321 -2.69 -6.76 2.07
N THR A 322 -2.95 -7.05 3.33
CA THR A 322 -4.10 -6.53 4.02
C THR A 322 -3.70 -5.24 4.72
N PHE A 323 -4.66 -4.32 4.81
CA PHE A 323 -4.45 -3.02 5.40
C PHE A 323 -5.77 -2.43 5.88
N VAL A 324 -5.65 -1.38 6.68
CA VAL A 324 -6.79 -0.69 7.26
C VAL A 324 -7.03 0.62 6.53
N ASP A 325 -6.00 1.46 6.48
CA ASP A 325 -6.04 2.73 5.73
C ASP A 325 -4.71 3.00 5.06
N ASN A 326 -4.75 3.91 4.09
CA ASN A 326 -3.53 4.33 3.43
C ASN A 326 -3.56 5.83 3.13
N HIS A 327 -2.54 6.31 2.44
CA HIS A 327 -2.39 7.74 2.10
C HIS A 327 -3.49 8.32 1.15
N ASP A 328 -4.19 7.44 0.44
CA ASP A 328 -5.32 7.85 -0.39
C ASP A 328 -6.67 7.76 0.33
N THR A 329 -6.79 6.86 1.32
CA THR A 329 -8.07 6.68 2.04
C THR A 329 -8.22 7.55 3.26
N GLN A 330 -7.10 8.13 3.71
CA GLN A 330 -7.10 9.04 4.85
C GLN A 330 -7.94 10.29 4.56
N PRO A 331 -8.36 11.00 5.63
CA PRO A 331 -9.24 12.15 5.49
C PRO A 331 -8.70 13.20 4.54
N GLY A 332 -9.58 13.63 3.64
CA GLY A 332 -9.26 14.64 2.63
C GLY A 332 -8.66 14.16 1.32
N GLN A 333 -8.28 12.89 1.23
CA GLN A 333 -7.54 12.41 0.07
C GLN A 333 -8.42 11.73 -0.96
N SER A 334 -7.86 11.32 -2.10
CA SER A 334 -8.67 11.09 -3.29
C SER A 334 -9.55 9.84 -3.24
N LEU A 335 -9.17 8.85 -2.42
CA LEU A 335 -9.97 7.66 -2.20
C LEU A 335 -10.56 7.64 -0.79
N GLU A 336 -10.82 8.83 -0.22
CA GLU A 336 -11.29 8.95 1.17
C GLU A 336 -12.38 7.93 1.52
N SER A 337 -12.07 7.08 2.50
CA SER A 337 -12.98 6.03 2.98
C SER A 337 -12.34 5.52 4.27
N THR A 338 -12.18 6.44 5.20
CA THR A 338 -11.36 6.22 6.37
C THR A 338 -12.09 5.29 7.33
N VAL A 339 -11.36 4.33 7.89
CA VAL A 339 -11.91 3.45 8.90
C VAL A 339 -11.97 4.26 10.18
N GLN A 340 -13.19 4.46 10.69
CA GLN A 340 -13.39 5.34 11.83
C GLN A 340 -12.56 4.93 13.04
N THR A 341 -12.08 5.94 13.76
CA THR A 341 -11.23 5.74 14.95
C THR A 341 -11.65 4.59 15.89
N TRP A 342 -12.94 4.55 16.28
CA TRP A 342 -13.40 3.55 17.26
C TRP A 342 -13.20 2.11 16.77
N PHE A 343 -13.38 1.90 15.47
CA PHE A 343 -13.28 0.58 14.87
C PHE A 343 -11.86 0.19 14.48
N LYS A 344 -10.96 1.16 14.42
CA LYS A 344 -9.65 0.95 13.81
C LYS A 344 -8.85 -0.12 14.54
N PRO A 345 -8.83 -0.15 15.89
CA PRO A 345 -8.12 -1.28 16.53
C PRO A 345 -8.70 -2.67 16.23
N LEU A 346 -10.00 -2.76 16.04
CA LEU A 346 -10.66 -4.03 15.69
C LEU A 346 -10.21 -4.49 14.30
N ALA A 347 -10.13 -3.54 13.36
CA ALA A 347 -9.62 -3.84 12.03
C ALA A 347 -8.14 -4.30 12.08
N TYR A 348 -7.33 -3.64 12.92
CA TYR A 348 -5.94 -4.05 13.10
C TYR A 348 -5.84 -5.45 13.73
N ALA A 349 -6.71 -5.79 14.67
CA ALA A 349 -6.72 -7.16 15.22
C ALA A 349 -7.01 -8.19 14.12
N PHE A 350 -7.99 -7.87 13.26
CA PHE A 350 -8.34 -8.74 12.14
C PHE A 350 -7.15 -9.00 11.17
N ILE A 351 -6.39 -7.97 10.84
CA ILE A 351 -5.28 -8.19 9.91
C ILE A 351 -4.03 -8.75 10.57
N LEU A 352 -3.81 -8.40 11.84
CA LEU A 352 -2.57 -8.74 12.54
C LEU A 352 -2.58 -10.09 13.22
N THR A 353 -3.73 -10.56 13.69
CA THR A 353 -3.72 -11.79 14.47
C THR A 353 -4.30 -13.01 13.77
N ARG A 354 -4.83 -12.84 12.57
CA ARG A 354 -5.32 -13.95 11.78
C ARG A 354 -4.19 -14.42 10.86
N GLU A 355 -4.22 -15.69 10.53
CA GLU A 355 -3.15 -16.36 9.82
C GLU A 355 -3.04 -15.97 8.33
N ALA A 356 -4.16 -15.59 7.72
CA ALA A 356 -4.18 -15.29 6.29
C ALA A 356 -3.70 -13.86 6.01
N GLY A 357 -2.93 -13.70 4.94
CA GLY A 357 -2.49 -12.40 4.47
C GLY A 357 -1.17 -11.89 5.04
N TYR A 358 -0.61 -10.92 4.33
CA TYR A 358 0.58 -10.18 4.75
C TYR A 358 0.05 -8.83 5.22
N PRO A 359 -0.03 -8.60 6.55
CA PRO A 359 -0.63 -7.32 6.99
C PRO A 359 0.28 -6.13 6.96
N GLN A 360 -0.33 -4.97 6.73
CA GLN A 360 0.37 -3.71 6.68
C GLN A 360 -0.25 -2.66 7.61
N ILE A 361 0.58 -2.08 8.47
CA ILE A 361 0.17 -0.99 9.31
C ILE A 361 0.47 0.36 8.65
N PHE A 362 -0.34 1.36 8.97
CA PHE A 362 -0.23 2.64 8.33
C PHE A 362 0.41 3.66 9.26
N TYR A 363 1.42 4.36 8.75
CA TYR A 363 2.06 5.48 9.48
C TYR A 363 1.05 6.48 10.05
N GLY A 364 0.06 6.87 9.24
CA GLY A 364 -1.00 7.77 9.65
C GLY A 364 -1.82 7.29 10.83
N ASP A 365 -2.02 5.97 10.92
CA ASP A 365 -2.70 5.37 12.07
C ASP A 365 -1.84 5.34 13.32
N MET A 366 -0.55 5.04 13.15
CA MET A 366 0.37 4.95 14.28
C MET A 366 0.63 6.29 14.90
N TYR A 367 0.94 7.25 14.04
CA TYR A 367 1.41 8.54 14.47
C TYR A 367 0.44 9.70 14.20
N GLY A 368 -0.71 9.40 13.63
CA GLY A 368 -1.67 10.44 13.28
C GLY A 368 -1.34 11.07 11.94
N THR A 369 -2.31 11.76 11.36
CA THR A 369 -2.14 12.47 10.10
C THR A 369 -2.11 13.98 10.35
N LYS A 370 -1.33 14.69 9.53
CA LYS A 370 -1.05 16.12 9.77
C LYS A 370 -1.68 17.04 8.73
N GLY A 371 -2.83 16.64 8.21
CA GLY A 371 -3.62 17.56 7.40
C GLY A 371 -4.14 18.74 8.23
N ALA A 372 -4.76 19.67 7.52
CA ALA A 372 -5.24 20.90 8.08
C ALA A 372 -6.70 20.81 8.63
N SER A 373 -7.35 19.64 8.53
CA SER A 373 -8.74 19.49 8.98
C SER A 373 -8.85 19.20 10.49
N GLN A 374 -10.08 19.14 10.98
CA GLN A 374 -10.42 18.66 12.31
C GLN A 374 -10.94 17.22 12.26
N ARG A 375 -10.64 16.53 11.16
CA ARG A 375 -11.02 15.13 10.94
C ARG A 375 -9.79 14.24 10.80
N GLU A 376 -8.62 14.73 11.17
CA GLU A 376 -7.40 13.93 11.01
C GLU A 376 -7.44 12.67 11.87
N ILE A 377 -6.72 11.66 11.43
CA ILE A 377 -6.59 10.42 12.17
C ILE A 377 -5.70 10.76 13.37
N PRO A 378 -6.18 10.49 14.60
CA PRO A 378 -5.33 10.68 15.77
C PRO A 378 -4.26 9.60 15.85
N ALA A 379 -3.19 9.85 16.57
CA ALA A 379 -2.15 8.86 16.78
C ALA A 379 -2.71 7.69 17.60
N LEU A 380 -2.69 6.50 17.03
CA LEU A 380 -3.22 5.31 17.71
C LEU A 380 -2.17 4.27 18.05
N LYS A 381 -0.92 4.66 17.96
CA LYS A 381 0.22 3.85 18.38
C LYS A 381 -0.04 2.99 19.64
N HIS A 382 -0.52 3.66 20.68
CA HIS A 382 -0.67 2.99 21.96
C HIS A 382 -1.76 1.93 21.95
N LYS A 383 -2.77 2.06 21.11
CA LYS A 383 -3.81 1.03 20.96
C LYS A 383 -3.38 -0.07 19.97
N ILE A 384 -2.50 0.25 19.03
CA ILE A 384 -2.06 -0.71 18.02
C ILE A 384 -0.91 -1.59 18.55
N GLU A 385 -0.02 -1.00 19.34
CA GLU A 385 1.14 -1.69 19.91
C GLU A 385 0.89 -3.07 20.57
N PRO A 386 -0.11 -3.18 21.45
CA PRO A 386 -0.47 -4.52 22.00
C PRO A 386 -0.88 -5.56 20.94
N ILE A 387 -1.52 -5.08 19.86
CA ILE A 387 -1.99 -5.95 18.77
C ILE A 387 -0.77 -6.40 17.95
N LEU A 388 0.18 -5.49 17.74
CA LEU A 388 1.46 -5.85 17.11
C LEU A 388 2.23 -6.87 17.91
N LYS A 389 2.28 -6.67 19.21
CA LYS A 389 2.89 -7.65 20.09
C LYS A 389 2.18 -9.02 20.02
N ALA A 390 0.84 -9.00 20.00
CA ALA A 390 0.07 -10.24 19.81
C ALA A 390 0.53 -10.95 18.54
N ARG A 391 0.69 -10.20 17.44
CA ARG A 391 1.17 -10.80 16.20
C ARG A 391 2.59 -11.34 16.35
N LYS A 392 3.47 -10.53 16.91
CA LYS A 392 4.87 -10.90 17.00
C LYS A 392 5.09 -12.12 17.88
N GLN A 393 4.43 -12.17 19.02
CA GLN A 393 4.74 -13.19 20.02
C GLN A 393 3.73 -14.33 20.15
N TYR A 394 2.48 -14.10 19.71
CA TYR A 394 1.37 -14.99 20.06
C TYR A 394 0.54 -15.58 18.93
N ALA A 395 0.51 -14.94 17.77
CA ALA A 395 -0.37 -15.33 16.66
C ALA A 395 0.29 -16.41 15.78
N TYR A 396 0.35 -17.63 16.33
CA TYR A 396 0.93 -18.79 15.67
C TYR A 396 0.05 -20.00 15.88
N GLY A 397 0.21 -20.98 14.99
CA GLY A 397 -0.50 -22.25 15.05
C GLY A 397 -1.91 -22.20 14.48
N ALA A 398 -2.59 -23.34 14.61
CA ALA A 398 -3.88 -23.58 13.98
C ALA A 398 -4.91 -22.54 14.42
N GLN A 399 -5.72 -22.10 13.48
CA GLN A 399 -6.72 -21.09 13.71
C GLN A 399 -8.12 -21.68 13.75
N HIS A 400 -8.97 -21.16 14.65
CA HIS A 400 -10.38 -21.51 14.72
C HIS A 400 -11.23 -20.25 14.65
N ASP A 401 -12.19 -20.24 13.74
CA ASP A 401 -13.00 -19.06 13.46
C ASP A 401 -14.38 -19.18 14.09
N TYR A 402 -14.86 -18.06 14.64
CA TYR A 402 -16.15 -17.97 15.27
C TYR A 402 -16.89 -16.76 14.76
N PHE A 403 -17.32 -16.85 13.51
CA PHE A 403 -18.04 -15.77 12.83
C PHE A 403 -19.49 -16.21 12.75
N ASP A 404 -20.11 -16.22 13.92
CA ASP A 404 -21.39 -16.90 14.15
C ASP A 404 -22.41 -15.94 14.79
N HIS A 405 -22.24 -14.65 14.55
CA HIS A 405 -23.02 -13.61 15.20
C HIS A 405 -22.86 -12.35 14.35
N HIS A 406 -23.94 -11.56 14.31
CA HIS A 406 -23.99 -10.28 13.58
C HIS A 406 -22.97 -9.24 14.07
N ASN A 407 -22.64 -9.28 15.36
CA ASN A 407 -21.77 -8.28 16.00
C ASN A 407 -20.45 -8.84 16.58
N ILE A 408 -20.56 -9.83 17.47
CA ILE A 408 -19.42 -10.35 18.19
C ILE A 408 -18.86 -11.50 17.41
N VAL A 409 -17.67 -11.31 16.84
CA VAL A 409 -16.96 -12.36 16.14
C VAL A 409 -15.59 -12.56 16.77
N GLY A 410 -15.06 -13.76 16.61
CA GLY A 410 -13.75 -14.07 17.13
C GLY A 410 -13.03 -15.17 16.40
N TRP A 411 -11.78 -15.33 16.81
CA TRP A 411 -10.92 -16.39 16.34
C TRP A 411 -9.86 -16.71 17.41
N THR A 412 -9.30 -17.93 17.30
CA THR A 412 -8.26 -18.37 18.20
C THR A 412 -7.09 -18.88 17.39
N ARG A 413 -5.92 -18.89 18.02
CA ARG A 413 -4.71 -19.48 17.48
C ARG A 413 -4.19 -20.40 18.58
N GLU A 414 -3.94 -21.66 18.24
CA GLU A 414 -3.55 -22.66 19.26
C GLU A 414 -2.15 -22.44 19.82
N GLY A 415 -1.32 -21.68 19.11
CA GLY A 415 0.10 -21.58 19.41
C GLY A 415 0.87 -22.65 18.64
N ASP A 416 2.18 -22.43 18.55
CA ASP A 416 3.11 -23.35 17.91
C ASP A 416 4.27 -23.60 18.87
N SER A 417 4.73 -24.85 18.96
CA SER A 417 5.83 -25.19 19.85
C SER A 417 7.16 -24.48 19.48
N SER A 418 7.30 -24.01 18.26
CA SER A 418 8.43 -23.13 17.89
C SER A 418 8.43 -21.71 18.50
N VAL A 419 7.30 -21.23 19.02
CA VAL A 419 7.24 -19.93 19.66
C VAL A 419 6.65 -20.14 21.04
N ALA A 420 7.48 -20.00 22.07
CA ALA A 420 7.09 -20.31 23.43
C ALA A 420 5.96 -19.45 23.88
N ASN A 421 4.97 -20.07 24.52
CA ASN A 421 3.81 -19.41 25.12
C ASN A 421 2.86 -18.79 24.10
N SER A 422 2.98 -19.20 22.84
CA SER A 422 2.17 -18.62 21.78
C SER A 422 0.76 -19.20 21.88
N GLY A 423 -0.18 -18.54 21.21
CA GLY A 423 -1.58 -18.85 21.29
C GLY A 423 -2.34 -17.60 21.65
N LEU A 424 -3.52 -17.43 21.05
CA LEU A 424 -4.37 -16.30 21.40
C LEU A 424 -5.85 -16.56 21.15
N ALA A 425 -6.69 -15.74 21.77
CA ALA A 425 -8.14 -15.73 21.59
C ALA A 425 -8.58 -14.30 21.40
N ALA A 426 -9.02 -13.97 20.19
CA ALA A 426 -9.43 -12.61 19.82
C ALA A 426 -10.92 -12.49 19.68
N LEU A 427 -11.48 -11.39 20.19
CA LEU A 427 -12.87 -11.03 19.96
C LEU A 427 -12.95 -9.56 19.55
N ILE A 428 -13.79 -9.28 18.56
CA ILE A 428 -14.16 -7.93 18.20
C ILE A 428 -15.66 -7.84 18.04
N THR A 429 -16.19 -6.65 18.30
CA THR A 429 -17.62 -6.40 18.12
C THR A 429 -17.88 -4.98 17.65
N ASP A 430 -18.73 -4.85 16.63
CA ASP A 430 -19.14 -3.54 16.15
C ASP A 430 -20.36 -3.04 16.90
N GLY A 431 -20.90 -3.82 17.83
CA GLY A 431 -22.06 -3.41 18.62
C GLY A 431 -21.85 -3.71 20.09
N PRO A 432 -22.92 -4.12 20.81
CA PRO A 432 -22.77 -4.49 22.22
C PRO A 432 -21.73 -5.61 22.44
N GLY A 433 -21.15 -5.60 23.63
CA GLY A 433 -20.19 -6.60 24.02
C GLY A 433 -20.90 -7.82 24.52
N GLY A 434 -20.11 -8.72 25.09
CA GLY A 434 -20.65 -10.00 25.53
C GLY A 434 -19.53 -11.00 25.73
N THR A 435 -19.90 -12.27 25.65
CA THR A 435 -18.97 -13.35 25.87
C THR A 435 -19.05 -14.34 24.72
N LYS A 436 -17.96 -15.07 24.53
CA LYS A 436 -17.95 -16.19 23.59
C LYS A 436 -17.00 -17.27 24.10
N ARG A 437 -17.50 -18.50 24.12
CA ARG A 437 -16.66 -19.66 24.43
C ARG A 437 -15.96 -20.06 23.15
N MET A 438 -14.64 -20.17 23.22
CA MET A 438 -13.82 -20.56 22.07
C MET A 438 -12.77 -21.57 22.46
N TYR A 439 -12.42 -22.43 21.50
CA TYR A 439 -11.46 -23.50 21.66
C TYR A 439 -10.07 -22.97 21.26
N VAL A 440 -9.13 -23.07 22.20
CA VAL A 440 -7.74 -22.59 21.98
C VAL A 440 -6.70 -23.73 21.90
N GLY A 441 -7.16 -24.98 21.97
CA GLY A 441 -6.27 -26.13 21.97
C GLY A 441 -6.21 -26.79 23.33
N ARG A 442 -6.47 -28.11 23.39
CA ARG A 442 -6.25 -28.91 24.62
C ARG A 442 -4.84 -28.73 25.19
N GLN A 443 -3.84 -28.56 24.34
CA GLN A 443 -2.46 -28.31 24.80
C GLN A 443 -2.29 -27.08 25.69
N ASN A 444 -3.28 -26.19 25.69
CA ASN A 444 -3.27 -24.99 26.53
C ASN A 444 -4.12 -25.15 27.80
N ALA A 445 -4.65 -26.36 28.04
CA ALA A 445 -5.51 -26.63 29.21
C ALA A 445 -4.84 -26.21 30.52
N GLY A 446 -5.58 -25.49 31.36
CA GLY A 446 -5.10 -25.00 32.64
C GLY A 446 -4.29 -23.72 32.64
N GLU A 447 -3.95 -23.19 31.47
CA GLU A 447 -3.22 -21.95 31.41
C GLU A 447 -4.16 -20.81 31.82
N THR A 448 -3.57 -19.73 32.31
CA THR A 448 -4.31 -18.52 32.69
C THR A 448 -3.96 -17.43 31.67
N TRP A 449 -4.99 -16.96 30.96
CA TRP A 449 -4.80 -15.99 29.90
C TRP A 449 -5.37 -14.63 30.30
N HIS A 450 -4.80 -13.57 29.73
CA HIS A 450 -5.23 -12.22 30.01
C HIS A 450 -5.26 -11.40 28.70
N ASP A 451 -6.07 -10.35 28.70
CA ASP A 451 -6.27 -9.48 27.54
C ASP A 451 -5.06 -8.56 27.36
N ILE A 452 -4.26 -8.83 26.35
CA ILE A 452 -3.04 -8.04 26.07
C ILE A 452 -3.32 -6.57 25.73
N THR A 453 -4.53 -6.24 25.27
CA THR A 453 -4.91 -4.85 25.05
C THR A 453 -5.22 -4.08 26.33
N GLY A 454 -5.47 -4.77 27.44
CA GLY A 454 -5.91 -4.15 28.69
C GLY A 454 -7.36 -3.65 28.67
N ASN A 455 -8.13 -3.92 27.62
CA ASN A 455 -9.52 -3.45 27.56
C ASN A 455 -10.36 -4.17 28.61
N ARG A 456 -10.10 -5.47 28.79
CA ARG A 456 -10.72 -6.29 29.83
C ARG A 456 -9.68 -6.66 30.87
N SER A 457 -10.05 -6.57 32.15
CA SER A 457 -9.10 -6.84 33.22
C SER A 457 -9.22 -8.25 33.80
N ASP A 458 -10.15 -9.06 33.27
CA ASP A 458 -10.40 -10.40 33.81
C ASP A 458 -9.45 -11.43 33.22
N SER A 459 -9.13 -12.42 34.04
CA SER A 459 -8.33 -13.55 33.62
C SER A 459 -9.25 -14.66 33.20
N VAL A 460 -8.78 -15.45 32.25
CA VAL A 460 -9.52 -16.59 31.75
C VAL A 460 -8.66 -17.83 31.91
N VAL A 461 -9.15 -18.83 32.62
CA VAL A 461 -8.45 -20.11 32.78
C VAL A 461 -9.00 -21.08 31.75
N ILE A 462 -8.11 -21.67 30.95
CA ILE A 462 -8.52 -22.57 29.87
C ILE A 462 -8.88 -23.89 30.51
N ASN A 463 -10.04 -24.46 30.18
CA ASN A 463 -10.47 -25.72 30.80
C ASN A 463 -9.74 -26.95 30.23
N ALA A 464 -10.01 -28.11 30.81
CA ALA A 464 -9.34 -29.38 30.43
C ALA A 464 -9.55 -29.75 28.98
N GLU A 465 -10.68 -29.32 28.44
CA GLU A 465 -11.10 -29.59 27.08
C GLU A 465 -10.57 -28.56 26.07
N GLY A 466 -9.82 -27.56 26.54
CA GLY A 466 -9.20 -26.56 25.69
C GLY A 466 -10.05 -25.36 25.35
N TRP A 467 -11.16 -25.17 26.07
CA TRP A 467 -12.05 -24.02 25.90
C TRP A 467 -11.90 -22.97 27.01
N GLY A 468 -12.06 -21.72 26.62
CA GLY A 468 -12.15 -20.61 27.55
C GLY A 468 -13.39 -19.78 27.28
N GLU A 469 -13.85 -19.08 28.30
CA GLU A 469 -14.94 -18.12 28.17
C GLU A 469 -14.37 -16.71 28.13
N PHE A 470 -14.37 -16.13 26.93
CA PHE A 470 -13.71 -14.86 26.67
C PHE A 470 -14.74 -13.73 26.58
N HIS A 471 -14.33 -12.54 27.01
CA HIS A 471 -15.21 -11.39 27.09
C HIS A 471 -14.72 -10.29 26.19
N VAL A 472 -15.64 -9.46 25.72
CA VAL A 472 -15.30 -8.24 24.96
C VAL A 472 -16.27 -7.12 25.37
N ASN A 473 -15.76 -5.90 25.44
CA ASN A 473 -16.59 -4.73 25.72
C ASN A 473 -17.31 -4.27 24.47
N GLY A 474 -18.30 -3.39 24.66
CA GLY A 474 -19.03 -2.82 23.52
C GLY A 474 -18.10 -2.08 22.59
N GLY A 475 -18.27 -2.28 21.28
CA GLY A 475 -17.46 -1.61 20.28
C GLY A 475 -15.97 -1.74 20.45
N SER A 476 -15.52 -2.90 20.92
CA SER A 476 -14.17 -3.05 21.43
C SER A 476 -13.48 -4.29 20.84
N VAL A 477 -12.23 -4.48 21.27
CA VAL A 477 -11.43 -5.64 20.94
C VAL A 477 -10.78 -6.16 22.23
N SER A 478 -10.74 -7.46 22.36
CA SER A 478 -9.91 -8.11 23.37
C SER A 478 -9.11 -9.22 22.73
N ILE A 479 -7.87 -9.37 23.16
CA ILE A 479 -7.00 -10.42 22.63
C ILE A 479 -6.33 -11.07 23.82
N TYR A 480 -6.80 -12.27 24.17
CA TYR A 480 -6.29 -12.97 25.34
C TYR A 480 -5.12 -13.82 24.95
N VAL A 481 -4.07 -13.78 25.79
CA VAL A 481 -2.87 -14.56 25.61
C VAL A 481 -2.42 -15.04 26.98
N GLN A 482 -1.55 -16.03 26.99
CA GLN A 482 -1.01 -16.54 28.24
C GLN A 482 -0.23 -15.48 29.05
N ARG A 483 -0.58 -15.37 30.33
CA ARG A 483 0.14 -14.52 31.30
C ARG A 483 1.57 -14.99 31.43
#